data_3QCY
#
_entry.id   3QCY
#
_cell.length_a   123.674
_cell.length_b   123.674
_cell.length_c   47.128
_cell.angle_alpha   90.00
_cell.angle_beta   90.00
_cell.angle_gamma   120.00
#
_symmetry.space_group_name_H-M   'P 32 2 1'
#
loop_
_entity.id
_entity.type
_entity.pdbx_description
1 polymer '3-phosphoinositide-dependent protein kinase 1'
2 non-polymer GLYCEROL
3 non-polymer 'SULFATE ION'
4 non-polymer (2S)-4-[2-amino-6-(3-amino-2H-indazol-6-yl)pyrimidin-4-yl]-N-phenylmorpholine-2-carboxamide
5 water water
#
_entity_poly.entity_id   1
_entity_poly.type   'polypeptide(L)'
_entity_poly.pdbx_seq_one_letter_code
;GPAMDGTAAEPRPGAGSLQHAQPPPQPRKKRPEDFKFGKILGEGSFSTVVLARELATSREYAIKILEKRHIIKENKVPYV
TRERDVMSRLDHPFFVKLYFTFQDDEKLYFGLSYAKNGELLKYIRKIGSFDETCTRFYTAEIVSALEYLHGKGIIHRDLK
PENILLNEDMHIQITDFGTAKVLSPESKQARAN(SEP)FVGTAQYVSPELLTEKSACKSSDLWALGCIIYQLVAGLPPFR
AGNEYLIFQKIIKLEYDFPEKFFPKARDLVEKLLVLDATKRLGCEEMEGYGPLKAHPFFESVTWENLHQQTPPKLT
;
_entity_poly.pdbx_strand_id   A
#
loop_
_chem_comp.id
_chem_comp.type
_chem_comp.name
_chem_comp.formula
3Q3 non-polymer (2S)-4-[2-amino-6-(3-amino-2H-indazol-6-yl)pyrimidin-4-yl]-N-phenylmorpholine-2-carboxamide 'C22 H22 N8 O2'
GOL non-polymer GLYCEROL 'C3 H8 O3'
SO4 non-polymer 'SULFATE ION' 'O4 S -2'
#
# COMPACT_ATOMS: atom_id res chain seq x y z
N GLN A 26 -13.93 -15.85 -22.04
CA GLN A 26 -13.63 -16.01 -20.62
C GLN A 26 -14.18 -17.32 -20.07
N PRO A 27 -13.47 -17.91 -19.10
CA PRO A 27 -13.89 -19.14 -18.42
C PRO A 27 -15.24 -18.95 -17.71
N ARG A 28 -15.94 -20.05 -17.45
CA ARG A 28 -17.20 -20.00 -16.73
C ARG A 28 -17.01 -19.38 -15.35
N LYS A 29 -18.08 -18.88 -14.77
CA LYS A 29 -18.01 -18.30 -13.43
C LYS A 29 -17.50 -19.36 -12.47
N LYS A 30 -16.58 -18.99 -11.59
CA LYS A 30 -16.12 -19.92 -10.57
C LYS A 30 -17.11 -19.98 -9.42
N ARG A 31 -16.92 -20.92 -8.50
CA ARG A 31 -17.84 -21.07 -7.38
C ARG A 31 -17.12 -21.65 -6.16
N PRO A 32 -17.71 -21.50 -4.96
CA PRO A 32 -17.04 -21.91 -3.73
C PRO A 32 -16.56 -23.34 -3.78
N GLU A 33 -17.36 -24.22 -4.39
CA GLU A 33 -17.05 -25.64 -4.43
C GLU A 33 -15.84 -25.92 -5.32
N ASP A 34 -15.41 -24.91 -6.08
CA ASP A 34 -14.23 -25.05 -6.93
C ASP A 34 -12.93 -25.00 -6.13
N PHE A 35 -13.04 -24.63 -4.84
CA PHE A 35 -11.85 -24.39 -4.03
C PHE A 35 -11.84 -25.21 -2.75
N LYS A 36 -10.64 -25.50 -2.28
CA LYS A 36 -10.43 -25.95 -0.92
C LYS A 36 -9.94 -24.74 -0.11
N PHE A 37 -10.76 -24.27 0.81
CA PHE A 37 -10.39 -23.12 1.63
C PHE A 37 -9.50 -23.53 2.80
N GLY A 38 -8.56 -22.65 3.16
CA GLY A 38 -7.64 -22.92 4.26
C GLY A 38 -7.63 -21.82 5.30
N LYS A 39 -6.43 -21.38 5.69
CA LYS A 39 -6.29 -20.44 6.78
C LYS A 39 -6.69 -19.02 6.41
N ILE A 40 -7.00 -18.23 7.43
CA ILE A 40 -7.32 -16.83 7.24
C ILE A 40 -6.03 -16.04 7.06
N LEU A 41 -5.99 -15.21 6.02
CA LEU A 41 -4.80 -14.44 5.70
C LEU A 41 -4.91 -12.99 6.22
N GLY A 42 -6.14 -12.52 6.39
CA GLY A 42 -6.33 -11.16 6.87
C GLY A 42 -7.78 -10.86 7.24
N GLU A 43 -7.96 -9.94 8.16
CA GLU A 43 -9.29 -9.52 8.59
C GLU A 43 -9.50 -8.05 8.28
N GLY A 44 -10.56 -7.72 7.55
CA GLY A 44 -10.86 -6.33 7.27
C GLY A 44 -12.01 -5.82 8.11
N SER A 45 -12.36 -4.56 7.92
CA SER A 45 -13.50 -3.96 8.62
C SER A 45 -14.78 -4.72 8.33
N PHE A 46 -14.98 -5.11 7.07
CA PHE A 46 -16.18 -5.86 6.70
C PHE A 46 -15.90 -6.98 5.70
N SER A 47 -14.75 -7.63 5.86
CA SER A 47 -14.34 -8.69 4.97
C SER A 47 -13.32 -9.57 5.66
N THR A 48 -13.12 -10.75 5.10
CA THR A 48 -12.11 -11.69 5.57
C THR A 48 -11.42 -12.32 4.36
N VAL A 49 -10.10 -12.34 4.39
CA VAL A 49 -9.33 -12.90 3.28
C VAL A 49 -8.86 -14.29 3.66
N VAL A 50 -9.18 -15.27 2.83
CA VAL A 50 -8.90 -16.67 3.13
C VAL A 50 -8.05 -17.31 2.03
N LEU A 51 -7.01 -18.02 2.41
CA LEU A 51 -6.21 -18.77 1.46
C LEU A 51 -7.06 -19.89 0.87
N ALA A 52 -7.02 -20.06 -0.45
CA ALA A 52 -7.80 -21.10 -1.10
C ALA A 52 -7.02 -21.76 -2.23
N ARG A 53 -7.15 -23.06 -2.37
CA ARG A 53 -6.58 -23.74 -3.52
C ARG A 53 -7.67 -24.15 -4.50
N GLU A 54 -7.52 -23.71 -5.74
CA GLU A 54 -8.43 -24.11 -6.80
C GLU A 54 -8.16 -25.56 -7.17
N LEU A 55 -9.18 -26.41 -7.06
CA LEU A 55 -8.99 -27.84 -7.24
C LEU A 55 -8.49 -28.23 -8.64
N ALA A 56 -9.12 -27.66 -9.66
CA ALA A 56 -8.79 -28.00 -11.05
C ALA A 56 -7.36 -27.63 -11.47
N THR A 57 -6.76 -26.65 -10.80
CA THR A 57 -5.49 -26.09 -11.28
C THR A 57 -4.40 -26.22 -10.23
N SER A 58 -4.80 -26.48 -9.00
CA SER A 58 -3.89 -26.49 -7.85
C SER A 58 -3.31 -25.11 -7.56
N ARG A 59 -3.89 -24.08 -8.17
CA ARG A 59 -3.44 -22.70 -7.93
C ARG A 59 -3.94 -22.17 -6.59
N GLU A 60 -3.11 -21.35 -5.95
CA GLU A 60 -3.48 -20.71 -4.70
C GLU A 60 -3.88 -19.27 -4.92
N TYR A 61 -5.01 -18.89 -4.33
CA TYR A 61 -5.48 -17.51 -4.39
C TYR A 61 -5.80 -17.04 -2.99
N ALA A 62 -5.71 -15.73 -2.78
CA ALA A 62 -6.22 -15.09 -1.57
C ALA A 62 -7.64 -14.64 -1.87
N ILE A 63 -8.63 -15.35 -1.32
CA ILE A 63 -10.01 -15.01 -1.61
C ILE A 63 -10.61 -14.10 -0.55
N LYS A 64 -10.98 -12.90 -0.94
CA LYS A 64 -11.60 -11.96 -0.02
C LYS A 64 -13.10 -12.24 -0.03
N ILE A 65 -13.63 -12.52 1.14
CA ILE A 65 -15.04 -12.88 1.28
C ILE A 65 -15.78 -11.78 2.02
N LEU A 66 -16.91 -11.35 1.45
CA LEU A 66 -17.73 -10.30 2.04
C LEU A 66 -19.18 -10.76 2.17
N GLU A 67 -19.82 -10.38 3.27
CA GLU A 67 -21.23 -10.71 3.47
C GLU A 67 -22.12 -9.60 2.91
N LYS A 68 -22.88 -9.94 1.88
CA LYS A 68 -23.74 -8.95 1.21
C LYS A 68 -24.65 -8.21 2.20
N ARG A 69 -25.30 -8.95 3.10
CA ARG A 69 -26.20 -8.35 4.08
C ARG A 69 -25.50 -7.32 4.93
N HIS A 70 -24.32 -7.68 5.43
CA HIS A 70 -23.52 -6.77 6.25
C HIS A 70 -23.08 -5.53 5.47
N ILE A 71 -22.69 -5.71 4.22
CA ILE A 71 -22.24 -4.57 3.42
C ILE A 71 -23.39 -3.59 3.15
N ILE A 72 -24.56 -4.14 2.85
CA ILE A 72 -25.74 -3.32 2.65
C ILE A 72 -26.12 -2.61 3.95
N LYS A 73 -26.33 -3.39 5.00
CA LYS A 73 -26.71 -2.85 6.30
C LYS A 73 -25.79 -1.71 6.76
N GLU A 74 -24.50 -1.82 6.47
CA GLU A 74 -23.53 -0.84 6.97
C GLU A 74 -23.15 0.22 5.93
N ASN A 75 -23.88 0.25 4.81
CA ASN A 75 -23.62 1.22 3.75
C ASN A 75 -22.18 1.17 3.26
N LYS A 76 -21.71 -0.02 2.88
CA LYS A 76 -20.33 -0.18 2.44
C LYS A 76 -20.23 -0.46 0.95
N VAL A 77 -21.36 -0.50 0.26
CA VAL A 77 -21.37 -0.87 -1.15
C VAL A 77 -20.37 -0.05 -1.99
N PRO A 78 -20.28 1.27 -1.74
CA PRO A 78 -19.36 2.07 -2.56
C PRO A 78 -17.89 1.67 -2.38
N TYR A 79 -17.50 1.19 -1.20
CA TYR A 79 -16.12 0.79 -1.00
C TYR A 79 -15.80 -0.51 -1.73
N VAL A 80 -16.76 -1.44 -1.69
CA VAL A 80 -16.61 -2.73 -2.33
C VAL A 80 -16.51 -2.56 -3.84
N THR A 81 -17.40 -1.73 -4.38
CA THR A 81 -17.43 -1.45 -5.80
C THR A 81 -16.13 -0.76 -6.24
N ARG A 82 -15.68 0.20 -5.44
CA ARG A 82 -14.45 0.93 -5.75
C ARG A 82 -13.25 -0.01 -5.82
N GLU A 83 -13.16 -0.93 -4.85
CA GLU A 83 -12.04 -1.87 -4.83
C GLU A 83 -12.07 -2.78 -6.06
N ARG A 84 -13.25 -3.31 -6.38
CA ARG A 84 -13.38 -4.15 -7.57
C ARG A 84 -12.99 -3.39 -8.84
N ASP A 85 -13.53 -2.20 -9.01
CA ASP A 85 -13.25 -1.42 -10.22
C ASP A 85 -11.78 -1.01 -10.35
N VAL A 86 -11.15 -0.65 -9.24
CA VAL A 86 -9.74 -0.26 -9.29
C VAL A 86 -8.83 -1.46 -9.51
N MET A 87 -9.00 -2.49 -8.69
CA MET A 87 -8.13 -3.68 -8.77
C MET A 87 -8.30 -4.45 -10.08
N SER A 88 -9.24 -4.00 -10.91
CA SER A 88 -9.42 -4.57 -12.25
C SER A 88 -8.66 -3.78 -13.31
N ARG A 89 -8.62 -2.46 -13.14
CA ARG A 89 -7.93 -1.58 -14.09
C ARG A 89 -6.42 -1.68 -13.97
N LEU A 90 -5.93 -2.43 -12.99
CA LEU A 90 -4.50 -2.45 -12.70
C LEU A 90 -3.83 -3.70 -13.26
N ASP A 91 -2.68 -3.49 -13.89
CA ASP A 91 -1.96 -4.56 -14.56
C ASP A 91 -0.46 -4.33 -14.44
N HIS A 92 0.07 -4.52 -13.24
CA HIS A 92 1.46 -4.21 -12.95
C HIS A 92 1.91 -5.14 -11.83
N PRO A 93 3.15 -5.64 -11.90
CA PRO A 93 3.70 -6.61 -10.94
C PRO A 93 3.65 -6.17 -9.47
N PHE A 94 3.70 -4.88 -9.18
CA PHE A 94 3.77 -4.42 -7.80
C PHE A 94 2.40 -4.23 -7.14
N PHE A 95 1.35 -4.78 -7.77
CA PHE A 95 0.00 -4.68 -7.21
C PHE A 95 -0.66 -6.03 -7.18
N VAL A 96 -1.32 -6.32 -6.06
CA VAL A 96 -2.18 -7.49 -5.98
C VAL A 96 -3.22 -7.37 -7.09
N LYS A 97 -3.47 -8.47 -7.79
CA LYS A 97 -4.40 -8.48 -8.92
C LYS A 97 -5.72 -9.14 -8.53
N LEU A 98 -6.82 -8.63 -9.09
CA LEU A 98 -8.12 -9.26 -8.95
C LEU A 98 -8.37 -10.13 -10.18
N TYR A 99 -8.39 -11.45 -9.99
CA TYR A 99 -8.49 -12.40 -11.09
C TYR A 99 -9.92 -12.74 -11.47
N PHE A 100 -10.80 -12.77 -10.46
CA PHE A 100 -12.17 -13.17 -10.69
C PHE A 100 -13.04 -12.79 -9.49
N THR A 101 -14.35 -12.77 -9.72
CA THR A 101 -15.31 -12.58 -8.65
C THR A 101 -16.44 -13.56 -8.83
N PHE A 102 -17.14 -13.87 -7.75
CA PHE A 102 -18.37 -14.64 -7.85
C PHE A 102 -19.10 -14.50 -6.53
N GLN A 103 -20.31 -15.04 -6.48
CA GLN A 103 -21.09 -14.97 -5.26
C GLN A 103 -21.98 -16.18 -5.06
N ASP A 104 -22.39 -16.41 -3.83
CA ASP A 104 -23.45 -17.35 -3.56
C ASP A 104 -24.58 -16.56 -2.92
N ASP A 105 -25.54 -17.25 -2.32
CA ASP A 105 -26.70 -16.56 -1.75
C ASP A 105 -26.32 -15.47 -0.76
N GLU A 106 -25.25 -15.70 0.00
CA GLU A 106 -24.94 -14.80 1.11
C GLU A 106 -23.68 -13.94 0.92
N LYS A 107 -22.77 -14.38 0.06
CA LYS A 107 -21.43 -13.79 0.05
C LYS A 107 -20.90 -13.39 -1.33
N LEU A 108 -20.03 -12.37 -1.33
CA LEU A 108 -19.20 -12.02 -2.48
C LEU A 108 -17.80 -12.60 -2.29
N TYR A 109 -17.20 -13.08 -3.38
CA TYR A 109 -15.85 -13.60 -3.34
C TYR A 109 -14.99 -12.88 -4.37
N PHE A 110 -13.89 -12.26 -3.92
CA PHE A 110 -12.92 -11.68 -4.83
C PHE A 110 -11.67 -12.56 -4.82
N GLY A 111 -11.27 -13.04 -5.99
CA GLY A 111 -10.05 -13.83 -6.09
C GLY A 111 -8.83 -12.95 -6.33
N LEU A 112 -7.96 -12.85 -5.32
CA LEU A 112 -6.80 -11.96 -5.39
C LEU A 112 -5.51 -12.75 -5.46
N SER A 113 -4.45 -12.12 -5.96
CA SER A 113 -3.09 -12.66 -5.88
C SER A 113 -2.78 -13.05 -4.46
N TYR A 114 -2.11 -14.19 -4.30
CA TYR A 114 -1.67 -14.63 -2.99
C TYR A 114 -0.20 -14.24 -2.81
N ALA A 115 0.04 -13.33 -1.88
CA ALA A 115 1.38 -12.87 -1.55
C ALA A 115 1.88 -13.64 -0.35
N LYS A 116 2.67 -14.68 -0.61
CA LYS A 116 2.95 -15.70 0.38
C LYS A 116 3.67 -15.16 1.63
N ASN A 117 4.49 -14.15 1.45
CA ASN A 117 5.30 -13.67 2.57
C ASN A 117 4.63 -12.61 3.42
N GLY A 118 3.38 -12.28 3.10
CA GLY A 118 2.59 -11.41 3.95
C GLY A 118 3.00 -9.94 3.96
N GLU A 119 2.70 -9.28 5.08
CA GLU A 119 2.81 -7.83 5.17
C GLU A 119 4.22 -7.33 5.39
N LEU A 120 4.56 -6.21 4.75
CA LEU A 120 5.81 -5.52 4.99
C LEU A 120 5.97 -5.16 6.46
N LEU A 121 4.86 -4.87 7.12
CA LEU A 121 4.90 -4.55 8.55
C LEU A 121 5.55 -5.66 9.35
N LYS A 122 5.26 -6.90 8.98
CA LYS A 122 5.81 -8.06 9.68
C LYS A 122 7.33 -8.06 9.62
N TYR A 123 7.89 -7.76 8.45
CA TYR A 123 9.35 -7.74 8.31
C TYR A 123 10.02 -6.60 9.06
N ILE A 124 9.36 -5.45 9.12
CA ILE A 124 9.86 -4.34 9.91
C ILE A 124 9.93 -4.73 11.40
N ARG A 125 8.88 -5.38 11.89
CA ARG A 125 8.87 -5.85 13.27
C ARG A 125 9.90 -6.94 13.51
N LYS A 126 10.02 -7.83 12.54
CA LYS A 126 10.94 -8.96 12.64
C LYS A 126 12.39 -8.52 12.74
N ILE A 127 12.85 -7.70 11.80
CA ILE A 127 14.27 -7.36 11.74
C ILE A 127 14.61 -6.02 12.41
N GLY A 128 13.58 -5.32 12.88
CA GLY A 128 13.78 -4.08 13.61
C GLY A 128 13.81 -2.84 12.74
N SER A 129 14.79 -2.78 11.85
CA SER A 129 14.94 -1.64 10.95
C SER A 129 15.83 -2.06 9.79
N PHE A 130 15.56 -1.52 8.60
CA PHE A 130 16.25 -1.94 7.40
C PHE A 130 17.59 -1.23 7.25
N ASP A 131 18.59 -1.95 6.75
CA ASP A 131 19.84 -1.30 6.38
C ASP A 131 19.61 -0.51 5.09
N GLU A 132 20.62 0.23 4.64
CA GLU A 132 20.43 1.18 3.56
C GLU A 132 20.12 0.52 2.21
N THR A 133 20.77 -0.61 1.93
CA THR A 133 20.55 -1.35 0.69
C THR A 133 19.11 -1.82 0.56
N CYS A 134 18.56 -2.35 1.65
CA CYS A 134 17.18 -2.82 1.67
C CYS A 134 16.15 -1.67 1.65
N THR A 135 16.41 -0.63 2.43
CA THR A 135 15.56 0.56 2.39
C THR A 135 15.44 1.12 0.98
N ARG A 136 16.58 1.31 0.32
CA ARG A 136 16.63 1.83 -1.04
C ARG A 136 15.89 0.96 -2.06
N PHE A 137 16.07 -0.35 -2.00
CA PHE A 137 15.40 -1.23 -2.95
C PHE A 137 13.88 -1.20 -2.75
N TYR A 138 13.43 -1.39 -1.52
CA TYR A 138 12.00 -1.43 -1.25
C TYR A 138 11.33 -0.07 -1.40
N THR A 139 12.03 0.99 -1.04
CA THR A 139 11.54 2.35 -1.30
C THR A 139 11.38 2.56 -2.82
N ALA A 140 12.37 2.13 -3.59
CA ALA A 140 12.31 2.23 -5.04
C ALA A 140 11.12 1.50 -5.64
N GLU A 141 10.83 0.29 -5.15
CA GLU A 141 9.69 -0.47 -5.69
C GLU A 141 8.38 0.26 -5.37
N ILE A 142 8.28 0.80 -4.16
CA ILE A 142 7.10 1.56 -3.78
C ILE A 142 6.93 2.81 -4.66
N VAL A 143 8.03 3.51 -4.91
CA VAL A 143 7.98 4.71 -5.74
C VAL A 143 7.53 4.33 -7.15
N SER A 144 8.11 3.25 -7.67
CA SER A 144 7.78 2.77 -8.99
C SER A 144 6.31 2.36 -9.07
N ALA A 145 5.78 1.78 -8.00
CA ALA A 145 4.38 1.34 -7.99
C ALA A 145 3.45 2.55 -8.01
N LEU A 146 3.78 3.56 -7.21
CA LEU A 146 2.99 4.78 -7.14
C LEU A 146 3.03 5.55 -8.45
N GLU A 147 4.17 5.55 -9.13
CA GLU A 147 4.26 6.18 -10.43
C GLU A 147 3.26 5.54 -11.39
N TYR A 148 3.18 4.21 -11.37
CA TYR A 148 2.22 3.50 -12.20
C TYR A 148 0.79 3.88 -11.79
N LEU A 149 0.52 3.81 -10.50
CA LEU A 149 -0.82 4.05 -10.00
C LEU A 149 -1.27 5.47 -10.34
N HIS A 150 -0.43 6.44 -9.99
CA HIS A 150 -0.75 7.84 -10.24
C HIS A 150 -0.88 8.17 -11.73
N GLY A 151 -0.11 7.48 -12.57
CA GLY A 151 -0.21 7.66 -14.01
C GLY A 151 -1.56 7.21 -14.55
N LYS A 152 -2.25 6.37 -13.79
CA LYS A 152 -3.60 5.98 -14.16
C LYS A 152 -4.64 6.87 -13.48
N GLY A 153 -4.17 7.98 -12.91
CA GLY A 153 -5.04 8.89 -12.19
C GLY A 153 -5.73 8.24 -11.00
N ILE A 154 -5.03 7.34 -10.32
CA ILE A 154 -5.59 6.67 -9.15
C ILE A 154 -4.76 7.00 -7.91
N ILE A 155 -5.45 7.32 -6.82
CA ILE A 155 -4.79 7.59 -5.55
C ILE A 155 -5.19 6.51 -4.55
N HIS A 156 -4.22 5.97 -3.84
CA HIS A 156 -4.50 4.88 -2.89
C HIS A 156 -5.26 5.40 -1.67
N ARG A 157 -4.71 6.43 -1.02
CA ARG A 157 -5.35 7.13 0.10
C ARG A 157 -5.19 6.46 1.45
N ASP A 158 -4.66 5.24 1.46
CA ASP A 158 -4.41 4.59 2.75
C ASP A 158 -3.21 3.68 2.70
N LEU A 159 -2.14 4.16 2.06
CA LEU A 159 -0.93 3.37 1.89
C LEU A 159 -0.19 3.20 3.21
N LYS A 160 0.21 1.96 3.51
CA LYS A 160 0.88 1.65 4.77
C LYS A 160 1.54 0.27 4.70
N PRO A 161 2.49 0.01 5.62
CA PRO A 161 3.23 -1.26 5.62
C PRO A 161 2.29 -2.45 5.72
N GLU A 162 1.11 -2.22 6.28
CA GLU A 162 0.16 -3.30 6.50
C GLU A 162 -0.46 -3.77 5.18
N ASN A 163 -0.55 -2.88 4.18
CA ASN A 163 -1.09 -3.29 2.88
C ASN A 163 -0.08 -3.26 1.73
N ILE A 164 1.20 -3.19 2.10
CA ILE A 164 2.28 -3.46 1.17
C ILE A 164 2.75 -4.89 1.42
N LEU A 165 2.29 -5.82 0.59
CA LEU A 165 2.57 -7.24 0.81
C LEU A 165 3.87 -7.68 0.13
N LEU A 166 4.35 -8.85 0.51
CA LEU A 166 5.54 -9.41 -0.12
C LEU A 166 5.24 -10.75 -0.79
N ASN A 167 5.55 -10.86 -2.06
CA ASN A 167 5.34 -12.08 -2.80
C ASN A 167 6.34 -13.13 -2.36
N GLU A 168 6.15 -14.36 -2.83
CA GLU A 168 7.10 -15.45 -2.59
C GLU A 168 8.53 -15.05 -2.98
N ASP A 169 8.64 -14.20 -4.00
CA ASP A 169 9.95 -13.77 -4.49
C ASP A 169 10.50 -12.57 -3.70
N MET A 170 9.71 -12.07 -2.76
CA MET A 170 10.09 -10.93 -1.92
C MET A 170 10.04 -9.57 -2.64
N HIS A 171 9.32 -9.52 -3.74
CA HIS A 171 8.93 -8.24 -4.35
C HIS A 171 7.61 -7.79 -3.75
N ILE A 172 7.37 -6.49 -3.71
CA ILE A 172 6.13 -5.97 -3.12
C ILE A 172 4.92 -6.26 -3.98
N GLN A 173 3.77 -6.30 -3.34
CA GLN A 173 2.48 -6.35 -3.99
C GLN A 173 1.52 -5.54 -3.13
N ILE A 174 1.10 -4.38 -3.63
CA ILE A 174 0.24 -3.49 -2.88
C ILE A 174 -1.22 -3.90 -3.00
N THR A 175 -1.97 -3.80 -1.90
CA THR A 175 -3.36 -4.26 -1.91
C THR A 175 -4.28 -3.28 -1.18
N ASP A 176 -5.55 -3.66 -1.00
CA ASP A 176 -6.49 -2.91 -0.16
C ASP A 176 -6.91 -1.58 -0.79
N PHE A 177 -7.78 -1.64 -1.80
CA PHE A 177 -8.08 -0.49 -2.62
C PHE A 177 -9.50 0.08 -2.44
N GLY A 178 -10.17 -0.35 -1.37
CA GLY A 178 -11.51 0.14 -1.09
C GLY A 178 -11.56 1.64 -0.82
N THR A 179 -10.48 2.20 -0.31
CA THR A 179 -10.42 3.64 -0.05
C THR A 179 -9.83 4.45 -1.21
N ALA A 180 -9.47 3.77 -2.29
CA ALA A 180 -8.83 4.46 -3.40
C ALA A 180 -9.75 5.51 -4.00
N LYS A 181 -9.17 6.48 -4.70
CA LYS A 181 -9.97 7.44 -5.44
C LYS A 181 -9.54 7.50 -6.89
N VAL A 182 -10.51 7.59 -7.79
CA VAL A 182 -10.23 7.67 -9.21
C VAL A 182 -10.48 9.11 -9.67
N LEU A 183 -9.42 9.76 -10.14
CA LEU A 183 -9.49 11.18 -10.47
C LEU A 183 -10.29 11.46 -11.74
N SER A 184 -11.17 12.46 -11.66
CA SER A 184 -12.01 12.84 -12.78
C SER A 184 -11.19 13.24 -14.00
N VAL A 196 -10.85 8.98 6.12
CA VAL A 196 -9.55 9.14 6.78
C VAL A 196 -8.90 7.79 7.05
N GLY A 197 -7.66 7.63 6.58
CA GLY A 197 -6.94 6.38 6.69
C GLY A 197 -6.39 6.09 8.09
N THR A 198 -5.25 5.39 8.13
CA THR A 198 -4.63 4.99 9.37
C THR A 198 -3.85 6.13 10.01
N ALA A 199 -4.14 6.41 11.27
CA ALA A 199 -3.65 7.61 11.96
C ALA A 199 -2.20 8.01 11.68
N GLN A 200 -1.28 7.09 11.90
CA GLN A 200 0.15 7.37 11.74
C GLN A 200 0.56 7.85 10.35
N TYR A 201 -0.22 7.51 9.33
CA TYR A 201 0.14 7.85 7.94
C TYR A 201 -0.75 8.93 7.32
N VAL A 202 -1.67 9.48 8.11
CA VAL A 202 -2.59 10.51 7.63
C VAL A 202 -1.85 11.80 7.28
N SER A 203 -2.11 12.32 6.08
CA SER A 203 -1.52 13.58 5.64
C SER A 203 -2.26 14.79 6.21
N PRO A 204 -1.56 15.91 6.40
CA PRO A 204 -2.14 17.11 7.01
C PRO A 204 -3.41 17.58 6.32
N GLU A 205 -3.45 17.50 4.99
CA GLU A 205 -4.60 17.97 4.23
C GLU A 205 -5.90 17.23 4.58
N LEU A 206 -5.78 15.99 5.04
CA LEU A 206 -6.97 15.27 5.50
C LEU A 206 -7.46 15.88 6.81
N LEU A 207 -6.51 16.29 7.65
CA LEU A 207 -6.85 16.81 8.97
C LEU A 207 -7.32 18.27 8.93
N THR A 208 -7.07 18.95 7.83
CA THR A 208 -7.40 20.37 7.75
C THR A 208 -8.36 20.73 6.62
N GLU A 209 -8.70 19.76 5.77
CA GLU A 209 -9.52 20.04 4.60
C GLU A 209 -10.44 18.90 4.19
N LYS A 210 -10.18 17.70 4.73
CA LYS A 210 -10.89 16.51 4.28
C LYS A 210 -10.68 16.26 2.78
N SER A 211 -9.58 16.78 2.25
CA SER A 211 -9.26 16.62 0.84
C SER A 211 -7.96 15.85 0.64
N ALA A 212 -7.90 15.03 -0.41
CA ALA A 212 -6.70 14.24 -0.70
C ALA A 212 -6.34 14.26 -2.19
N CYS A 213 -5.06 14.14 -2.48
CA CYS A 213 -4.56 14.14 -3.85
C CYS A 213 -3.40 13.14 -3.97
N LYS A 214 -2.81 13.05 -5.16
CA LYS A 214 -1.67 12.16 -5.35
C LYS A 214 -0.62 12.39 -4.28
N SER A 215 -0.51 13.64 -3.84
CA SER A 215 0.50 14.03 -2.89
C SER A 215 0.27 13.44 -1.50
N SER A 216 -0.97 13.04 -1.22
CA SER A 216 -1.28 12.37 0.04
C SER A 216 -0.54 11.02 0.11
N ASP A 217 -0.51 10.31 -1.01
CA ASP A 217 0.23 9.04 -1.09
C ASP A 217 1.73 9.27 -0.88
N LEU A 218 2.23 10.41 -1.34
CA LEU A 218 3.65 10.74 -1.23
C LEU A 218 4.02 11.02 0.22
N TRP A 219 3.10 11.66 0.94
CA TRP A 219 3.24 11.84 2.39
C TRP A 219 3.34 10.48 3.06
N ALA A 220 2.43 9.56 2.71
CA ALA A 220 2.47 8.20 3.24
C ALA A 220 3.83 7.57 2.96
N LEU A 221 4.34 7.79 1.74
CA LEU A 221 5.63 7.25 1.35
C LEU A 221 6.75 7.77 2.27
N GLY A 222 6.70 9.06 2.57
CA GLY A 222 7.67 9.65 3.50
C GLY A 222 7.65 8.98 4.86
N CYS A 223 6.46 8.73 5.41
CA CYS A 223 6.32 8.04 6.69
C CYS A 223 6.86 6.61 6.63
N ILE A 224 6.55 5.93 5.54
CA ILE A 224 7.00 4.55 5.35
C ILE A 224 8.54 4.45 5.24
N ILE A 225 9.16 5.34 4.48
CA ILE A 225 10.62 5.40 4.42
C ILE A 225 11.23 5.65 5.80
N TYR A 226 10.66 6.62 6.52
CA TYR A 226 11.13 6.91 7.86
C TYR A 226 11.07 5.65 8.73
N GLN A 227 9.96 4.92 8.61
CA GLN A 227 9.75 3.72 9.41
C GLN A 227 10.69 2.57 9.01
N LEU A 228 10.99 2.46 7.73
CA LEU A 228 11.93 1.44 7.28
C LEU A 228 13.30 1.68 7.89
N VAL A 229 13.66 2.95 8.08
CA VAL A 229 14.98 3.31 8.57
C VAL A 229 15.05 3.37 10.09
N ALA A 230 14.11 4.07 10.70
CA ALA A 230 14.08 4.24 12.16
C ALA A 230 13.51 3.02 12.86
N GLY A 231 12.66 2.28 12.16
CA GLY A 231 11.98 1.13 12.75
C GLY A 231 10.64 1.51 13.34
N LEU A 232 10.36 2.81 13.38
CA LEU A 232 9.10 3.33 13.91
C LEU A 232 8.56 4.44 12.99
N PRO A 233 7.23 4.60 12.97
CA PRO A 233 6.61 5.70 12.22
C PRO A 233 7.03 7.03 12.87
N PRO A 234 7.11 8.10 12.07
CA PRO A 234 7.63 9.38 12.56
C PRO A 234 6.71 10.05 13.58
N PHE A 235 5.40 9.91 13.39
CA PHE A 235 4.42 10.55 14.26
C PHE A 235 3.79 9.53 15.20
N ARG A 236 4.29 9.46 16.43
CA ARG A 236 3.80 8.51 17.42
C ARG A 236 3.39 9.26 18.67
N ALA A 237 2.33 8.76 19.32
CA ALA A 237 1.84 9.37 20.54
C ALA A 237 0.86 8.42 21.25
N GLY A 238 0.44 8.79 22.44
CA GLY A 238 -0.45 7.97 23.25
C GLY A 238 -1.77 7.59 22.60
N ASN A 239 -2.30 8.46 21.74
CA ASN A 239 -3.59 8.19 21.10
C ASN A 239 -3.74 8.91 19.78
N GLU A 240 -4.85 8.68 19.11
CA GLU A 240 -5.05 9.21 17.77
C GLU A 240 -5.05 10.73 17.76
N TYR A 241 -5.74 11.34 18.71
CA TYR A 241 -5.79 12.78 18.76
C TYR A 241 -4.39 13.38 18.85
N LEU A 242 -3.57 12.84 19.74
CA LEU A 242 -2.21 13.34 19.93
C LEU A 242 -1.33 13.14 18.69
N ILE A 243 -1.58 12.06 17.96
CA ILE A 243 -0.87 11.81 16.72
C ILE A 243 -1.22 12.89 15.69
N PHE A 244 -2.50 13.18 15.57
CA PHE A 244 -2.97 14.20 14.64
C PHE A 244 -2.40 15.57 14.97
N GLN A 245 -2.24 15.84 16.26
CA GLN A 245 -1.66 17.09 16.71
C GLN A 245 -0.25 17.24 16.18
N LYS A 246 0.52 16.16 16.28
CA LYS A 246 1.91 16.18 15.82
C LYS A 246 1.99 16.38 14.31
N ILE A 247 1.11 15.71 13.59
CA ILE A 247 1.09 15.79 12.13
C ILE A 247 0.90 17.23 11.64
N ILE A 248 -0.19 17.87 12.05
CA ILE A 248 -0.46 19.23 11.61
C ILE A 248 0.62 20.22 12.06
N LYS A 249 1.41 19.83 13.05
CA LYS A 249 2.52 20.66 13.52
C LYS A 249 3.84 20.24 12.90
N LEU A 250 3.82 19.15 12.13
CA LEU A 250 5.05 18.55 11.60
C LEU A 250 6.04 18.33 12.74
N GLU A 251 5.52 17.81 13.85
CA GLU A 251 6.32 17.57 15.03
C GLU A 251 6.85 16.14 15.05
N TYR A 252 8.08 15.97 14.58
CA TYR A 252 8.75 14.67 14.59
C TYR A 252 10.23 14.95 14.45
N ASP A 253 11.07 13.95 14.62
CA ASP A 253 12.50 14.15 14.39
C ASP A 253 13.25 12.87 14.03
N PHE A 254 14.45 13.04 13.50
CA PHE A 254 15.24 11.93 13.01
C PHE A 254 16.21 11.44 14.08
N PRO A 255 16.33 10.12 14.22
CA PRO A 255 17.38 9.56 15.08
C PRO A 255 18.73 9.87 14.47
N GLU A 256 19.79 9.83 15.27
CA GLU A 256 21.14 10.09 14.79
C GLU A 256 21.53 9.11 13.68
N LYS A 257 21.14 7.86 13.85
CA LYS A 257 21.55 6.80 12.90
C LYS A 257 20.67 6.75 11.64
N PHE A 258 20.26 7.90 11.14
CA PHE A 258 19.40 7.95 9.96
C PHE A 258 20.24 8.25 8.71
N PHE A 259 20.22 7.36 7.73
CA PHE A 259 20.98 7.60 6.50
C PHE A 259 20.66 9.00 5.99
N PRO A 260 21.69 9.85 5.87
CA PRO A 260 21.54 11.28 5.56
C PRO A 260 20.78 11.55 4.27
N LYS A 261 21.05 10.77 3.23
CA LYS A 261 20.33 10.92 1.98
C LYS A 261 18.87 10.50 2.14
N ALA A 262 18.62 9.48 2.95
CA ALA A 262 17.25 9.10 3.27
C ALA A 262 16.57 10.22 4.05
N ARG A 263 17.31 10.84 4.95
CA ARG A 263 16.76 11.94 5.72
C ARG A 263 16.37 13.10 4.80
N ASP A 264 17.29 13.49 3.92
CA ASP A 264 17.00 14.56 2.98
C ASP A 264 15.74 14.25 2.19
N LEU A 265 15.64 13.03 1.67
CA LEU A 265 14.47 12.60 0.91
C LEU A 265 13.19 12.67 1.76
N VAL A 266 13.25 12.13 2.96
CA VAL A 266 12.10 12.18 3.86
C VAL A 266 11.67 13.63 4.08
N GLU A 267 12.64 14.52 4.23
CA GLU A 267 12.35 15.94 4.44
C GLU A 267 11.69 16.60 3.22
N LYS A 268 11.89 16.03 2.04
CA LYS A 268 11.26 16.56 0.84
C LYS A 268 9.86 16.00 0.60
N LEU A 269 9.48 15.02 1.41
CA LEU A 269 8.17 14.38 1.29
C LEU A 269 7.22 14.78 2.43
N LEU A 270 7.75 14.81 3.65
CA LEU A 270 6.99 15.23 4.81
C LEU A 270 6.95 16.75 4.86
N VAL A 271 6.17 17.33 3.95
CA VAL A 271 6.04 18.77 3.85
C VAL A 271 4.57 19.11 3.99
N LEU A 272 4.24 20.06 4.85
CA LEU A 272 2.85 20.40 5.11
C LEU A 272 2.12 20.81 3.83
N ASP A 273 2.76 21.66 3.05
CA ASP A 273 2.19 22.11 1.78
C ASP A 273 2.26 20.98 0.76
N ALA A 274 1.11 20.42 0.43
CA ALA A 274 1.04 19.25 -0.44
C ALA A 274 1.60 19.51 -1.84
N THR A 275 1.61 20.78 -2.26
CA THR A 275 2.09 21.10 -3.60
C THR A 275 3.62 21.17 -3.67
N LYS A 276 4.28 20.97 -2.54
CA LYS A 276 5.73 21.07 -2.50
C LYS A 276 6.41 19.75 -2.11
N ARG A 277 5.68 18.64 -2.25
CA ARG A 277 6.26 17.32 -1.99
C ARG A 277 6.90 16.78 -3.26
N LEU A 278 8.14 16.32 -3.13
CA LEU A 278 8.87 15.71 -4.24
C LEU A 278 8.02 14.60 -4.84
N GLY A 279 7.81 14.65 -6.15
CA GLY A 279 7.02 13.64 -6.85
C GLY A 279 5.66 14.14 -7.31
N CYS A 280 5.17 15.19 -6.69
CA CYS A 280 3.85 15.69 -7.04
C CYS A 280 3.92 16.52 -8.31
N GLU A 281 2.76 16.72 -8.95
CA GLU A 281 2.71 17.37 -10.25
C GLU A 281 3.32 18.78 -10.25
N GLU A 282 3.05 19.56 -9.20
CA GLU A 282 3.58 20.92 -9.09
C GLU A 282 5.09 20.93 -8.93
N MET A 283 5.67 19.78 -8.60
CA MET A 283 7.12 19.65 -8.47
C MET A 283 7.68 18.90 -9.66
N GLU A 284 6.84 18.76 -10.69
CA GLU A 284 7.25 18.16 -11.96
C GLU A 284 7.39 16.62 -11.90
N GLY A 285 6.65 15.99 -10.99
CA GLY A 285 6.40 14.57 -11.07
C GLY A 285 7.52 13.65 -10.61
N TYR A 286 7.57 12.48 -11.23
CA TYR A 286 8.43 11.39 -10.76
C TYR A 286 9.88 11.48 -11.17
N GLY A 287 10.16 12.23 -12.24
CA GLY A 287 11.53 12.43 -12.67
C GLY A 287 12.44 12.91 -11.55
N PRO A 288 12.15 14.09 -10.98
CA PRO A 288 12.97 14.62 -9.88
C PRO A 288 12.99 13.68 -8.67
N LEU A 289 11.86 13.05 -8.34
CA LEU A 289 11.82 12.09 -7.24
C LEU A 289 12.79 10.93 -7.46
N LYS A 290 12.69 10.25 -8.61
CA LYS A 290 13.61 9.14 -8.91
C LYS A 290 15.05 9.59 -9.06
N ALA A 291 15.27 10.88 -9.34
CA ALA A 291 16.62 11.40 -9.49
C ALA A 291 17.25 11.81 -8.15
N HIS A 292 16.54 11.62 -7.05
CA HIS A 292 17.09 11.99 -5.75
C HIS A 292 18.34 11.17 -5.43
N PRO A 293 19.36 11.81 -4.83
CA PRO A 293 20.63 11.15 -4.51
C PRO A 293 20.46 9.84 -3.73
N PHE A 294 19.41 9.72 -2.91
CA PHE A 294 19.21 8.47 -2.18
C PHE A 294 19.06 7.28 -3.13
N PHE A 295 18.61 7.53 -4.35
CA PHE A 295 18.36 6.47 -5.33
C PHE A 295 19.48 6.35 -6.35
N GLU A 296 20.63 6.91 -6.04
CA GLU A 296 21.72 6.99 -7.01
C GLU A 296 21.99 5.68 -7.74
N SER A 297 22.10 4.58 -6.99
CA SER A 297 22.50 3.32 -7.58
C SER A 297 21.33 2.45 -8.05
N VAL A 298 20.14 3.04 -8.12
CA VAL A 298 18.97 2.28 -8.50
C VAL A 298 18.84 2.18 -10.01
N THR A 299 18.56 0.97 -10.50
CA THR A 299 18.16 0.81 -11.90
C THR A 299 16.64 0.69 -11.94
N TRP A 300 15.99 1.73 -12.45
CA TRP A 300 14.55 1.88 -12.33
C TRP A 300 13.74 1.04 -13.31
N GLU A 301 14.36 0.70 -14.43
CA GLU A 301 13.63 0.14 -15.56
C GLU A 301 13.04 -1.24 -15.32
N ASN A 302 13.67 -2.03 -14.46
CA ASN A 302 13.29 -3.44 -14.34
C ASN A 302 13.40 -3.98 -12.92
N LEU A 303 12.95 -3.20 -11.94
CA LEU A 303 13.08 -3.59 -10.54
C LEU A 303 12.51 -4.98 -10.25
N HIS A 304 11.39 -5.29 -10.87
CA HIS A 304 10.70 -6.57 -10.63
C HIS A 304 11.54 -7.75 -11.13
N GLN A 305 12.50 -7.47 -12.01
CA GLN A 305 13.38 -8.49 -12.56
C GLN A 305 14.65 -8.66 -11.74
N GLN A 306 14.94 -7.67 -10.89
CA GLN A 306 16.12 -7.75 -10.05
C GLN A 306 15.84 -8.64 -8.84
N THR A 307 16.90 -9.20 -8.26
CA THR A 307 16.80 -10.01 -7.06
C THR A 307 16.85 -9.09 -5.84
N PRO A 308 15.80 -9.11 -5.00
CA PRO A 308 15.81 -8.22 -3.84
C PRO A 308 16.98 -8.56 -2.91
N PRO A 309 17.51 -7.56 -2.19
CA PRO A 309 18.56 -7.80 -1.21
C PRO A 309 17.99 -8.60 -0.04
N LYS A 310 18.78 -9.49 0.54
CA LYS A 310 18.30 -10.32 1.63
C LYS A 310 18.05 -9.46 2.86
N LEU A 311 16.90 -9.68 3.51
CA LEU A 311 16.57 -8.98 4.75
C LEU A 311 17.15 -9.72 5.97
C1 GOL B . -2.20 -17.63 -9.77
O1 GOL B . -1.70 -18.89 -10.15
C2 GOL B . -1.98 -17.46 -8.28
O2 GOL B . -0.65 -17.80 -7.97
C3 GOL B . -2.26 -16.02 -7.85
O3 GOL B . -1.83 -15.86 -6.52
C1 GOL C . 9.18 10.83 -16.12
O1 GOL C . 9.70 10.79 -17.43
C2 GOL C . 9.89 9.81 -15.23
O2 GOL C . 9.39 8.51 -15.52
C3 GOL C . 11.37 9.81 -15.55
O3 GOL C . 11.98 8.73 -14.86
C1 GOL D . 5.48 15.25 -16.45
O1 GOL D . 5.63 15.54 -17.83
C2 GOL D . 5.92 16.45 -15.64
O2 GOL D . 5.33 17.61 -16.20
C3 GOL D . 5.44 16.30 -14.21
O3 GOL D . 4.02 16.33 -14.18
C1 GOL E . 9.07 -3.06 -13.13
O1 GOL E . 10.19 -3.89 -12.91
C2 GOL E . 9.40 -1.66 -12.64
O2 GOL E . 10.80 -1.47 -12.58
C3 GOL E . 8.81 -0.61 -13.56
O3 GOL E . 7.52 -0.30 -13.08
S SO4 F . 17.12 3.61 -15.40
O1 SO4 F . 16.53 2.33 -15.76
O2 SO4 F . 17.57 3.62 -14.02
O3 SO4 F . 16.14 4.67 -15.59
O4 SO4 F . 18.28 3.88 -16.27
S SO4 G . -6.62 2.59 -17.76
O1 SO4 G . -6.37 1.42 -16.93
O2 SO4 G . -6.40 3.80 -16.97
O3 SO4 G . -8.00 2.57 -18.23
O4 SO4 G . -5.71 2.59 -18.90
S SO4 H . -20.35 -11.19 -9.56
O1 SO4 H . -19.87 -11.48 -8.21
O2 SO4 H . -19.30 -11.48 -10.52
O3 SO4 H . -20.70 -9.77 -9.62
O4 SO4 H . -21.52 -12.02 -9.85
S SO4 I . 0.64 -20.20 -12.53
O1 SO4 I . 2.00 -20.71 -12.32
O2 SO4 I . 0.27 -20.28 -13.94
O3 SO4 I . -0.28 -21.01 -11.73
O4 SO4 I . 0.57 -18.80 -12.09
S SO4 J . -0.93 -14.26 -14.24
O1 SO4 J . 0.35 -13.74 -14.73
O2 SO4 J . -1.89 -13.16 -14.29
O3 SO4 J . -1.05 -15.55 -14.92
O4 SO4 J . -0.74 -14.83 -12.92
S SO4 K . -2.98 -28.41 0.39
O1 SO4 K . -2.01 -27.42 0.86
O2 SO4 K . -4.09 -27.72 -0.27
O3 SO4 K . -2.33 -29.30 -0.57
O4 SO4 K . -3.48 -29.17 1.51
C1 3Q3 L . -13.00 0.81 3.67
C2 3Q3 L . -12.18 0.59 2.59
C3 3Q3 L . -12.78 0.16 4.85
C4 3Q3 L . -3.55 -10.64 2.65
C5 3Q3 L . -4.51 -9.65 2.63
C6 3Q3 L . -11.14 -0.32 2.69
C7 3Q3 L . -11.75 -0.75 4.95
C8 3Q3 L . -4.68 -9.68 0.25
C9 3Q3 L . -6.49 -7.48 2.65
C10 3Q3 L . -3.16 -11.18 1.44
C11 3Q3 L . -5.05 -9.16 1.47
C12 3Q3 L . -3.74 -10.68 0.28
C13 3Q3 L . -10.94 -0.98 3.87
C14 3Q3 L . -6.02 -8.07 1.49
C15 3Q3 L . -7.38 -6.45 2.52
C16 3Q3 L . -2.24 -12.17 0.99
C17 3Q3 L . -7.29 -6.64 0.24
C18 3Q3 L . -10.02 -3.03 4.71
C19 3Q3 L . -7.80 -6.54 4.91
C20 3Q3 L . -9.06 -5.01 3.55
C21 3Q3 L . -7.58 -5.43 5.92
C22 3Q3 L . -8.82 -3.92 4.59
N23 3Q3 L . -6.42 -7.65 0.28
N24 3Q3 L . -7.78 -6.02 1.32
N25 3Q3 L . -2.25 -12.29 -0.34
N26 3Q3 L . -3.16 -11.38 -0.73
N27 3Q3 L . -7.85 -5.80 3.68
N28 3Q3 L . -1.47 -12.90 1.85
N29 3Q3 L . -7.73 -6.18 -1.01
N30 3Q3 L . -9.88 -1.90 3.97
O31 3Q3 L . -10.99 -3.32 5.41
O32 3Q3 L . -8.68 -4.52 5.89
#